data_7U4N
#
_entry.id   7U4N
#
_cell.length_a   32.899
_cell.length_b   92.856
_cell.length_c   53.786
_cell.angle_alpha   90.000
_cell.angle_beta   100.190
_cell.angle_gamma   90.000
#
_symmetry.space_group_name_H-M   'P 1 21 1'
#
loop_
_entity.id
_entity.type
_entity.pdbx_description
1 polymer 'Phospholipid hydroperoxide glutathione peroxidase'
2 non-polymer 'methyl (1S,3R)-2-(chloroacetyl)-1-[4-(methoxycarbonyl)phenyl]-2,3,4,9-tetrahydro-1H-pyrido[3,4-b]indole-3-carboxylate'
3 water water
#
_entity_poly.entity_id   1
_entity_poly.type   'polypeptide(L)'
_entity_poly.pdbx_seq_one_letter_code
;MGSSHHHHHHSSGLVPRGSHMLEAASRDDWRCARSMHEFSAKDIDGHMVNLDKYRGFVCIVTNVASQCGKTEVNYTQLVD
LHARYAECGLRILAFPCNQFGKQEPGSNEEIKEFAAGYNVKFDMFSKICVNGDDAHPLWKWMKIQPKGKGILGNAIKWNF
TKFLIDKNGCVVKRYGPMEEPLVIEKDLPHYF
;
_entity_poly.pdbx_strand_id   A,B
#
# COMPACT_ATOMS: atom_id res chain seq x y z
N TRP A 30 25.04 22.89 8.06
CA TRP A 30 23.83 22.12 7.82
C TRP A 30 23.43 22.20 6.36
N ARG A 31 23.86 23.26 5.67
CA ARG A 31 23.43 23.50 4.30
C ARG A 31 23.87 22.37 3.37
N CYS A 32 25.02 21.78 3.62
CA CYS A 32 25.56 20.74 2.75
C CYS A 32 25.33 19.34 3.27
N ALA A 33 24.67 19.19 4.43
CA ALA A 33 24.25 17.87 4.88
C ALA A 33 23.39 17.23 3.80
N ARG A 34 23.47 15.90 3.69
CA ARG A 34 22.78 15.19 2.63
C ARG A 34 21.63 14.35 3.14
N SER A 35 21.39 14.33 4.45
CA SER A 35 20.38 13.40 4.96
C SER A 35 19.96 13.84 6.36
N MET A 36 18.69 13.58 6.69
CA MET A 36 18.22 13.76 8.06
C MET A 36 19.09 12.98 9.05
N HIS A 37 19.70 11.89 8.59
CA HIS A 37 20.48 11.02 9.47
C HIS A 37 21.76 11.68 9.98
N GLU A 38 22.16 12.81 9.42
CA GLU A 38 23.33 13.53 9.92
C GLU A 38 23.02 14.44 11.10
N PHE A 39 21.77 14.54 11.53
CA PHE A 39 21.37 15.45 12.59
C PHE A 39 21.05 14.72 13.89
N SER A 40 21.04 15.50 14.98
CA SER A 40 20.67 15.05 16.31
C SER A 40 19.68 16.03 16.90
N ALA A 41 18.85 15.54 17.82
CA ALA A 41 17.86 16.39 18.46
C ALA A 41 17.50 15.82 19.83
N LYS A 42 17.25 16.71 20.78
CA LYS A 42 16.86 16.28 22.11
C LYS A 42 15.42 15.77 22.09
N ASP A 43 15.19 14.58 22.65
CA ASP A 43 13.81 14.11 22.72
C ASP A 43 13.10 14.81 23.88
N ILE A 44 11.81 14.50 24.06
CA ILE A 44 11.01 15.29 25.00
C ILE A 44 11.38 15.02 26.46
N ASP A 45 12.16 13.98 26.71
CA ASP A 45 12.70 13.71 28.05
C ASP A 45 14.04 14.40 28.28
N GLY A 46 14.56 15.10 27.28
CA GLY A 46 15.83 15.79 27.41
C GLY A 46 17.02 14.99 26.96
N HIS A 47 16.81 13.84 26.32
CA HIS A 47 17.90 12.95 25.93
C HIS A 47 18.22 13.14 24.47
N MET A 48 19.48 13.45 24.19
CA MET A 48 19.91 13.67 22.81
C MET A 48 19.77 12.40 22.00
N VAL A 49 19.13 12.50 20.84
CA VAL A 49 18.92 11.38 19.93
C VAL A 49 19.66 11.65 18.63
N ASN A 50 20.48 10.69 18.21
CA ASN A 50 21.09 10.70 16.89
C ASN A 50 20.07 10.21 15.87
N LEU A 51 19.72 11.07 14.90
CA LEU A 51 18.65 10.70 13.98
C LEU A 51 19.09 9.67 12.94
N ASP A 52 20.34 9.20 12.95
CA ASP A 52 20.64 8.08 12.06
C ASP A 52 19.98 6.79 12.53
N LYS A 53 19.38 6.76 13.73
CA LYS A 53 18.56 5.62 14.12
C LYS A 53 17.40 5.40 13.16
N TYR A 54 17.04 6.40 12.36
CA TYR A 54 15.92 6.28 11.44
C TYR A 54 16.33 5.79 10.05
N ARG A 55 17.60 5.43 9.87
CA ARG A 55 18.05 4.85 8.61
C ARG A 55 17.31 3.56 8.32
N GLY A 56 16.68 3.49 7.15
CA GLY A 56 15.88 2.35 6.77
C GLY A 56 14.41 2.49 7.08
N PHE A 57 13.98 3.61 7.64
CA PHE A 57 12.59 3.86 8.00
C PHE A 57 12.05 5.07 7.24
N VAL A 58 10.78 5.00 6.86
CA VAL A 58 10.07 6.16 6.30
C VAL A 58 9.53 6.98 7.46
N CYS A 59 9.74 8.29 7.43
CA CYS A 59 9.40 9.12 8.59
C CYS A 59 8.50 10.30 8.19
N ILE A 60 7.58 10.64 9.07
CA ILE A 60 6.89 11.94 9.03
C ILE A 60 7.50 12.82 10.11
N VAL A 61 8.04 13.97 9.72
CA VAL A 61 8.57 14.97 10.65
C VAL A 61 7.61 16.15 10.66
N THR A 62 7.12 16.53 11.84
CA THR A 62 6.06 17.53 11.90
C THR A 62 6.27 18.43 13.11
N ASN A 63 5.89 19.70 12.97
CA ASN A 63 5.92 20.65 14.09
C ASN A 63 4.54 20.68 14.72
N VAL A 64 4.48 20.48 16.04
CA VAL A 64 3.20 20.31 16.71
C VAL A 64 2.95 21.44 17.70
N ALA A 65 1.71 21.52 18.17
CA ALA A 65 1.26 22.52 19.13
C ALA A 65 0.01 21.98 19.83
N SER A 66 -0.14 22.33 21.11
CA SER A 66 -1.24 21.82 21.92
C SER A 66 -2.49 22.68 21.85
N GLN A 67 -2.36 23.93 21.43
CA GLN A 67 -3.45 24.90 21.53
C GLN A 67 -3.82 25.46 20.16
N CYS A 68 -3.80 24.60 19.14
CA CYS A 68 -4.08 24.96 17.77
C CYS A 68 -5.46 24.41 17.38
N GLY A 69 -6.16 25.14 16.51
CA GLY A 69 -7.47 24.68 16.07
C GLY A 69 -7.45 23.34 15.36
N LYS A 70 -6.29 22.93 14.85
CA LYS A 70 -6.14 21.64 14.19
C LYS A 70 -5.33 20.65 15.03
N THR A 71 -5.14 20.94 16.33
CA THR A 71 -4.42 20.02 17.21
C THR A 71 -5.07 18.64 17.23
N GLU A 72 -6.39 18.59 17.39
CA GLU A 72 -7.06 17.29 17.55
C GLU A 72 -6.98 16.46 16.29
N VAL A 73 -7.30 17.04 15.13
CA VAL A 73 -7.25 16.27 13.88
C VAL A 73 -5.84 15.78 13.60
N ASN A 74 -4.82 16.61 13.87
CA ASN A 74 -3.46 16.19 13.54
C ASN A 74 -2.97 15.10 14.48
N TYR A 75 -3.13 15.27 15.80
CA TYR A 75 -2.68 14.22 16.71
C TYR A 75 -3.41 12.91 16.46
N THR A 76 -4.74 12.95 16.31
CA THR A 76 -5.47 11.68 16.16
C THR A 76 -5.11 10.96 14.87
N GLN A 77 -4.96 11.70 13.76
CA GLN A 77 -4.62 11.03 12.51
C GLN A 77 -3.17 10.56 12.50
N LEU A 78 -2.26 11.30 13.15
CA LEU A 78 -0.88 10.82 13.23
C LEU A 78 -0.80 9.53 14.03
N VAL A 79 -1.56 9.43 15.14
CA VAL A 79 -1.60 8.21 15.92
C VAL A 79 -2.20 7.07 15.10
N ASP A 80 -3.20 7.38 14.29
CA ASP A 80 -3.82 6.35 13.45
C ASP A 80 -2.86 5.86 12.37
N LEU A 81 -2.10 6.78 11.75
CA LEU A 81 -1.10 6.39 10.76
C LEU A 81 -0.02 5.51 11.38
N HIS A 82 0.46 5.89 12.56
CA HIS A 82 1.49 5.10 13.23
C HIS A 82 0.96 3.71 13.61
N ALA A 83 -0.29 3.63 14.08
CA ALA A 83 -0.84 2.33 14.45
C ALA A 83 -0.94 1.42 13.24
N ARG A 84 -1.30 1.99 12.08
CA ARG A 84 -1.50 1.22 10.87
C ARG A 84 -0.20 0.85 10.16
N TYR A 85 0.84 1.68 10.27
CA TYR A 85 2.02 1.51 9.42
C TYR A 85 3.34 1.34 10.15
N ALA A 86 3.36 1.33 11.49
CA ALA A 86 4.62 1.12 12.18
C ALA A 86 5.25 -0.21 11.76
N GLU A 87 4.42 -1.23 11.53
CA GLU A 87 4.89 -2.55 11.08
C GLU A 87 5.53 -2.50 9.69
N CYS A 88 5.24 -1.46 8.92
CA CYS A 88 5.81 -1.24 7.60
C CYS A 88 7.10 -0.46 7.63
N GLY A 89 7.46 0.07 8.79
CA GLY A 89 8.62 0.93 8.92
C GLY A 89 8.30 2.41 9.04
N LEU A 90 7.04 2.79 9.25
CA LEU A 90 6.73 4.20 9.47
C LEU A 90 7.12 4.62 10.87
N ARG A 91 7.82 5.75 10.97
CA ARG A 91 8.13 6.40 12.24
C ARG A 91 7.70 7.86 12.14
N ILE A 92 7.37 8.46 13.28
CA ILE A 92 6.90 9.85 13.30
C ILE A 92 7.69 10.61 14.34
N LEU A 93 8.23 11.76 13.94
CA LEU A 93 9.01 12.64 14.80
C LEU A 93 8.24 13.94 14.97
N ALA A 94 7.83 14.24 16.20
CA ALA A 94 7.00 15.41 16.47
C ALA A 94 7.79 16.42 17.27
N PHE A 95 7.91 17.64 16.73
CA PHE A 95 8.68 18.72 17.33
C PHE A 95 7.73 19.80 17.81
N PRO A 96 7.52 19.96 19.10
CA PRO A 96 6.69 21.06 19.58
C PRO A 96 7.34 22.39 19.24
N CYS A 97 6.49 23.38 18.96
CA CYS A 97 6.99 24.69 18.55
C CYS A 97 5.97 25.76 18.92
N ASN A 98 6.45 26.81 19.57
CA ASN A 98 5.61 27.90 20.08
C ASN A 98 5.64 29.14 19.19
N GLN A 99 6.11 29.02 17.94
CA GLN A 99 6.27 30.21 17.10
C GLN A 99 4.99 30.63 16.38
N PHE A 100 3.90 29.89 16.51
CA PHE A 100 2.70 30.12 15.70
C PHE A 100 1.50 30.40 16.62
N GLY A 101 1.24 31.68 16.85
CA GLY A 101 0.16 32.06 17.74
C GLY A 101 0.40 31.77 19.19
N LYS A 102 1.66 31.53 19.58
CA LYS A 102 2.02 31.10 20.94
C LYS A 102 1.14 29.94 21.39
N GLN A 103 1.03 28.93 20.53
CA GLN A 103 0.11 27.82 20.76
C GLN A 103 0.80 26.57 21.29
N GLU A 104 2.04 26.68 21.73
CA GLU A 104 2.71 25.61 22.47
C GLU A 104 3.47 26.22 23.65
N PRO A 105 2.75 26.84 24.59
CA PRO A 105 3.43 27.58 25.66
C PRO A 105 3.94 26.73 26.80
N GLY A 106 3.52 25.47 26.88
CA GLY A 106 3.81 24.67 28.05
C GLY A 106 5.21 24.12 28.07
N SER A 107 5.53 23.48 29.19
CA SER A 107 6.83 22.84 29.36
C SER A 107 6.89 21.53 28.58
N ASN A 108 8.12 21.05 28.37
CA ASN A 108 8.29 19.75 27.72
C ASN A 108 7.59 18.63 28.48
N GLU A 109 7.64 18.68 29.82
CA GLU A 109 6.96 17.67 30.61
C GLU A 109 5.45 17.73 30.41
N GLU A 110 4.89 18.95 30.32
CA GLU A 110 3.46 19.09 30.10
C GLU A 110 3.07 18.62 28.70
N ILE A 111 3.91 18.89 27.70
CA ILE A 111 3.61 18.47 26.34
C ILE A 111 3.68 16.97 26.21
N LYS A 112 4.59 16.33 26.95
CA LYS A 112 4.66 14.86 26.95
C LYS A 112 3.38 14.27 27.50
N GLU A 113 2.86 14.83 28.59
CA GLU A 113 1.60 14.36 29.17
C GLU A 113 0.43 14.63 28.24
N PHE A 114 0.45 15.79 27.55
CA PHE A 114 -0.59 16.10 26.59
C PHE A 114 -0.65 15.06 25.47
N ALA A 115 0.52 14.73 24.90
CA ALA A 115 0.56 13.73 23.85
C ALA A 115 0.11 12.36 24.35
N ALA A 116 0.40 12.04 25.62
CA ALA A 116 -0.05 10.77 26.17
C ALA A 116 -1.57 10.66 26.15
N GLY A 117 -2.26 11.80 26.28
CA GLY A 117 -3.71 11.83 26.23
C GLY A 117 -4.28 11.44 24.88
N TYR A 118 -3.49 11.56 23.81
CA TYR A 118 -3.89 11.07 22.50
C TYR A 118 -3.35 9.68 22.21
N ASN A 119 -2.78 9.00 23.22
CA ASN A 119 -2.18 7.67 23.04
C ASN A 119 -1.05 7.69 22.00
N VAL A 120 -0.24 8.75 22.03
CA VAL A 120 0.90 8.83 21.13
C VAL A 120 1.92 7.76 21.51
N LYS A 121 2.32 6.94 20.53
CA LYS A 121 3.37 5.96 20.74
C LYS A 121 4.57 6.22 19.84
N PHE A 122 4.52 7.27 19.00
CA PHE A 122 5.67 7.68 18.19
C PHE A 122 6.56 8.60 19.02
N ASP A 123 7.53 9.25 18.38
CA ASP A 123 8.65 9.87 19.07
C ASP A 123 8.44 11.36 19.23
N MET A 124 8.31 11.80 20.49
CA MET A 124 8.15 13.20 20.85
C MET A 124 9.50 13.82 21.18
N PHE A 125 9.74 15.04 20.69
CA PHE A 125 10.99 15.74 20.92
C PHE A 125 10.77 16.98 21.76
N SER A 126 11.87 17.55 22.25
CA SER A 126 11.79 18.79 23.02
C SER A 126 11.42 19.96 22.12
N LYS A 127 10.78 20.96 22.72
CA LYS A 127 10.36 22.16 21.98
C LYS A 127 11.53 22.85 21.29
N ILE A 128 11.31 23.32 20.06
CA ILE A 128 12.31 23.98 19.24
C ILE A 128 11.67 25.16 18.52
N CYS A 129 12.53 25.93 17.85
CA CYS A 129 12.09 26.85 16.79
C CYS A 129 12.29 26.19 15.44
N VAL A 130 11.42 26.51 14.50
CA VAL A 130 11.53 25.98 13.15
C VAL A 130 11.82 27.07 12.12
N ASN A 131 11.62 28.33 12.46
CA ASN A 131 11.95 29.47 11.60
C ASN A 131 12.96 30.37 12.30
N GLY A 132 13.71 31.13 11.51
CA GLY A 132 14.63 32.10 12.07
C GLY A 132 16.02 31.53 12.31
N ASP A 133 16.90 32.41 12.79
CA ASP A 133 18.30 32.04 12.99
C ASP A 133 18.50 31.02 14.10
N ASP A 134 17.56 30.90 15.03
CA ASP A 134 17.65 29.92 16.10
C ASP A 134 16.88 28.65 15.79
N ALA A 135 16.37 28.50 14.57
CA ALA A 135 15.72 27.25 14.18
C ALA A 135 16.68 26.07 14.32
N HIS A 136 16.12 24.92 14.70
CA HIS A 136 16.93 23.71 14.79
C HIS A 136 17.53 23.40 13.41
N PRO A 137 18.81 22.99 13.36
CA PRO A 137 19.46 22.81 12.04
C PRO A 137 18.77 21.77 11.16
N LEU A 138 18.09 20.77 11.73
CA LEU A 138 17.34 19.84 10.89
C LEU A 138 16.27 20.56 10.11
N TRP A 139 15.58 21.51 10.76
CA TRP A 139 14.50 22.22 10.11
C TRP A 139 15.04 23.21 9.08
N LYS A 140 16.15 23.91 9.40
CA LYS A 140 16.80 24.72 8.38
C LYS A 140 17.11 23.91 7.14
N TRP A 141 17.65 22.70 7.33
CA TRP A 141 18.00 21.83 6.22
C TRP A 141 16.78 21.37 5.45
N MET A 142 15.74 20.89 6.15
CA MET A 142 14.58 20.36 5.46
C MET A 142 13.96 21.40 4.54
N LYS A 143 13.94 22.66 4.98
CA LYS A 143 13.22 23.70 4.25
C LYS A 143 13.88 24.03 2.92
N ILE A 144 15.17 23.71 2.73
CA ILE A 144 15.84 24.01 1.46
C ILE A 144 15.98 22.78 0.58
N GLN A 145 15.47 21.63 0.99
CA GLN A 145 15.50 20.47 0.12
C GLN A 145 14.51 20.67 -1.03
N PRO A 146 14.83 20.17 -2.23
CA PRO A 146 13.93 20.39 -3.37
C PRO A 146 12.46 20.06 -3.10
N LYS A 147 12.19 18.93 -2.47
CA LYS A 147 10.83 18.59 -2.08
C LYS A 147 10.44 19.19 -0.74
N GLY A 148 11.33 19.94 -0.09
CA GLY A 148 11.06 20.62 1.17
C GLY A 148 10.54 22.02 1.01
N LYS A 149 10.52 22.54 -0.21
CA LYS A 149 9.90 23.84 -0.48
C LYS A 149 8.40 23.63 -0.62
N GLY A 150 7.62 24.36 0.16
CA GLY A 150 6.19 24.25 0.06
C GLY A 150 5.64 24.99 -1.15
N ILE A 151 4.35 24.76 -1.42
CA ILE A 151 3.68 25.48 -2.49
C ILE A 151 3.64 26.97 -2.21
N LEU A 152 3.80 27.35 -0.94
CA LEU A 152 3.81 28.75 -0.53
C LEU A 152 5.20 29.20 -0.09
N GLY A 153 6.24 28.43 -0.40
CA GLY A 153 7.61 28.82 -0.11
C GLY A 153 8.20 28.02 1.04
N ASN A 154 9.40 28.44 1.44
CA ASN A 154 10.22 27.64 2.35
C ASN A 154 9.79 27.79 3.80
N ALA A 155 9.43 28.99 4.24
CA ALA A 155 9.16 29.22 5.66
C ALA A 155 8.04 28.31 6.15
N ILE A 156 8.16 27.83 7.39
CA ILE A 156 7.06 27.11 8.01
C ILE A 156 5.96 28.11 8.34
N LYS A 157 4.77 27.88 7.77
CA LYS A 157 3.74 28.93 7.85
C LYS A 157 2.91 28.89 9.12
N TRP A 158 2.70 27.71 9.70
CA TRP A 158 1.84 27.57 10.88
C TRP A 158 2.14 26.21 11.51
N ASN A 159 1.42 25.91 12.59
CA ASN A 159 1.54 24.62 13.26
C ASN A 159 1.16 23.49 12.32
N PHE A 160 1.79 22.33 12.51
CA PHE A 160 1.47 21.08 11.80
C PHE A 160 1.76 21.15 10.29
N THR A 161 2.93 21.66 9.94
CA THR A 161 3.50 21.33 8.65
C THR A 161 4.13 19.95 8.77
N LYS A 162 4.05 19.16 7.69
CA LYS A 162 4.58 17.78 7.69
C LYS A 162 5.59 17.59 6.57
N PHE A 163 6.68 16.90 6.87
CA PHE A 163 7.67 16.48 5.88
C PHE A 163 7.69 14.96 5.82
N LEU A 164 7.64 14.40 4.61
CA LEU A 164 7.85 12.97 4.45
C LEU A 164 9.32 12.72 4.10
N ILE A 165 9.96 11.81 4.83
CA ILE A 165 11.39 11.50 4.72
C ILE A 165 11.53 10.05 4.27
N ASP A 166 12.36 9.80 3.26
CA ASP A 166 12.50 8.43 2.77
C ASP A 166 13.52 7.65 3.61
N LYS A 167 13.71 6.37 3.27
CA LYS A 167 14.56 5.48 4.07
C LYS A 167 16.02 5.92 4.08
N ASN A 168 16.43 6.74 3.11
CA ASN A 168 17.79 7.28 3.09
C ASN A 168 17.89 8.63 3.79
N GLY A 169 16.81 9.09 4.41
CA GLY A 169 16.83 10.36 5.11
C GLY A 169 16.61 11.58 4.23
N CYS A 170 16.17 11.41 2.99
CA CYS A 170 15.93 12.54 2.10
C CYS A 170 14.47 13.01 2.19
N VAL A 171 14.27 14.32 2.05
CA VAL A 171 12.91 14.85 1.97
C VAL A 171 12.31 14.49 0.63
N VAL A 172 11.14 13.85 0.64
CA VAL A 172 10.45 13.51 -0.60
C VAL A 172 9.10 14.19 -0.77
N LYS A 173 8.49 14.73 0.29
CA LYS A 173 7.20 15.42 0.20
C LYS A 173 7.09 16.40 1.35
N ARG A 174 6.28 17.46 1.14
CA ARG A 174 5.93 18.39 2.20
C ARG A 174 4.43 18.65 2.13
N TYR A 175 3.80 18.78 3.30
CA TYR A 175 2.36 19.00 3.41
C TYR A 175 2.10 20.15 4.39
N GLY A 176 1.19 21.04 4.01
CA GLY A 176 0.96 22.25 4.76
C GLY A 176 0.04 22.06 5.96
N PRO A 177 -0.09 23.14 6.74
CA PRO A 177 -0.96 23.13 7.94
C PRO A 177 -2.41 22.79 7.65
N MET A 178 -2.90 23.04 6.45
CA MET A 178 -4.28 22.74 6.12
C MET A 178 -4.48 21.31 5.65
N GLU A 179 -3.41 20.56 5.45
CA GLU A 179 -3.48 19.21 4.89
C GLU A 179 -3.50 18.21 6.03
N GLU A 180 -4.64 17.56 6.24
CA GLU A 180 -4.73 16.62 7.36
C GLU A 180 -3.78 15.43 7.13
N PRO A 181 -3.22 14.85 8.20
CA PRO A 181 -2.20 13.80 8.01
C PRO A 181 -2.65 12.66 7.11
N LEU A 182 -3.94 12.35 7.05
CA LEU A 182 -4.36 11.19 6.24
C LEU A 182 -4.11 11.40 4.75
N VAL A 183 -3.92 12.64 4.28
CA VAL A 183 -3.56 12.83 2.87
C VAL A 183 -2.21 12.18 2.54
N ILE A 184 -1.39 11.91 3.56
CA ILE A 184 -0.07 11.36 3.32
C ILE A 184 -0.17 9.90 2.86
N GLU A 185 -1.33 9.27 3.06
CA GLU A 185 -1.52 7.89 2.63
C GLU A 185 -1.36 7.72 1.12
N LYS A 186 -1.53 8.78 0.34
CA LYS A 186 -1.34 8.63 -1.10
C LYS A 186 0.12 8.42 -1.46
N ASP A 187 1.05 8.88 -0.62
CA ASP A 187 2.46 8.82 -0.94
C ASP A 187 3.21 7.68 -0.23
N LEU A 188 2.78 7.28 0.98
CA LEU A 188 3.49 6.26 1.75
C LEU A 188 3.85 5.00 0.98
N PRO A 189 2.96 4.37 0.21
CA PRO A 189 3.34 3.08 -0.41
C PRO A 189 4.42 3.21 -1.43
N HIS A 190 4.72 4.43 -1.90
CA HIS A 190 5.78 4.60 -2.87
C HIS A 190 7.16 4.74 -2.23
N TYR A 191 7.25 4.78 -0.90
CA TYR A 191 8.51 4.94 -0.21
C TYR A 191 8.84 3.84 0.80
N PHE A 192 7.85 3.07 1.25
CA PHE A 192 8.12 1.91 2.12
C PHE A 192 9.06 0.92 1.45
N ASP B 28 -2.03 -22.14 -31.58
CA ASP B 28 -0.60 -22.25 -31.31
C ASP B 28 0.06 -20.87 -31.16
N ASP B 29 -0.63 -19.84 -31.62
CA ASP B 29 -0.10 -18.47 -31.58
C ASP B 29 -0.01 -17.90 -30.16
N TRP B 30 -0.64 -18.53 -29.17
CA TRP B 30 -0.54 -18.03 -27.79
C TRP B 30 0.90 -18.00 -27.31
N ARG B 31 1.76 -18.85 -27.87
CA ARG B 31 3.14 -18.93 -27.39
C ARG B 31 3.91 -17.64 -27.63
N CYS B 32 3.56 -16.89 -28.69
CA CYS B 32 4.28 -15.68 -29.07
C CYS B 32 3.74 -14.44 -28.39
N ALA B 33 2.69 -14.55 -27.59
CA ALA B 33 2.15 -13.39 -26.90
C ALA B 33 3.12 -12.90 -25.82
N ARG B 34 3.06 -11.60 -25.55
CA ARG B 34 3.86 -11.00 -24.50
C ARG B 34 3.04 -10.36 -23.39
N SER B 35 1.70 -10.45 -23.45
CA SER B 35 0.86 -9.79 -22.45
C SER B 35 -0.49 -10.50 -22.38
N MET B 36 -1.06 -10.55 -21.17
CA MET B 36 -2.44 -11.00 -21.01
C MET B 36 -3.39 -10.25 -21.91
N HIS B 37 -3.06 -8.99 -22.22
CA HIS B 37 -3.95 -8.15 -23.00
C HIS B 37 -4.09 -8.61 -24.46
N GLU B 38 -3.28 -9.57 -24.89
CA GLU B 38 -3.43 -10.11 -26.23
C GLU B 38 -4.51 -11.20 -26.32
N PHE B 39 -5.11 -11.58 -25.20
CA PHE B 39 -6.03 -12.70 -25.15
C PHE B 39 -7.48 -12.23 -24.96
N SER B 40 -8.39 -13.15 -25.27
CA SER B 40 -9.81 -12.95 -25.00
C SER B 40 -10.36 -14.20 -24.30
N ALA B 41 -11.47 -14.01 -23.58
CA ALA B 41 -12.08 -15.14 -22.92
C ALA B 41 -13.56 -14.88 -22.69
N LYS B 42 -14.34 -15.96 -22.69
CA LYS B 42 -15.78 -15.86 -22.46
C LYS B 42 -16.09 -15.63 -20.98
N ASP B 43 -16.85 -14.58 -20.69
CA ASP B 43 -17.28 -14.37 -19.32
C ASP B 43 -18.36 -15.40 -18.97
N ILE B 44 -18.81 -15.37 -17.71
CA ILE B 44 -19.64 -16.49 -17.24
C ILE B 44 -21.03 -16.46 -17.87
N ASP B 45 -21.43 -15.33 -18.46
CA ASP B 45 -22.66 -15.26 -19.24
C ASP B 45 -22.48 -15.72 -20.68
N GLY B 46 -21.26 -16.04 -21.09
CA GLY B 46 -20.98 -16.50 -22.43
C GLY B 46 -20.50 -15.46 -23.41
N HIS B 47 -20.34 -14.20 -22.97
CA HIS B 47 -19.93 -13.11 -23.83
C HIS B 47 -18.41 -13.07 -23.94
N MET B 48 -17.90 -12.96 -25.16
CA MET B 48 -16.45 -12.90 -25.36
C MET B 48 -15.93 -11.55 -24.91
N VAL B 49 -14.90 -11.56 -24.07
CA VAL B 49 -14.31 -10.36 -23.48
C VAL B 49 -12.87 -10.25 -23.95
N ASN B 50 -12.52 -9.11 -24.54
CA ASN B 50 -11.14 -8.80 -24.87
C ASN B 50 -10.41 -8.37 -23.60
N LEU B 51 -9.37 -9.13 -23.20
CA LEU B 51 -8.72 -8.84 -21.94
C LEU B 51 -7.84 -7.61 -21.98
N ASP B 52 -7.70 -6.95 -23.14
CA ASP B 52 -7.04 -5.65 -23.15
C ASP B 52 -7.82 -4.59 -22.37
N LYS B 53 -9.07 -4.86 -21.98
CA LYS B 53 -9.77 -3.97 -21.06
C LYS B 53 -9.06 -3.83 -19.72
N TYR B 54 -8.17 -4.77 -19.39
CA TYR B 54 -7.45 -4.68 -18.13
C TYR B 54 -6.12 -3.95 -18.24
N ARG B 55 -5.81 -3.34 -19.40
CA ARG B 55 -4.61 -2.53 -19.49
C ARG B 55 -4.69 -1.35 -18.54
N GLY B 56 -3.65 -1.16 -17.73
CA GLY B 56 -3.66 -0.14 -16.70
C GLY B 56 -4.19 -0.60 -15.36
N PHE B 57 -4.54 -1.88 -15.22
CA PHE B 57 -5.00 -2.41 -13.95
C PHE B 57 -4.12 -3.56 -13.50
N VAL B 58 -3.97 -3.68 -12.17
CA VAL B 58 -3.32 -4.85 -11.58
C VAL B 58 -4.37 -5.93 -11.38
N CYS B 59 -4.07 -7.15 -11.83
CA CYS B 59 -5.08 -8.21 -11.82
C CYS B 59 -4.61 -9.44 -11.07
N ILE B 60 -5.57 -10.08 -10.41
CA ILE B 60 -5.40 -11.45 -9.88
C ILE B 60 -6.21 -12.38 -10.77
N VAL B 61 -5.55 -13.35 -11.38
CA VAL B 61 -6.20 -14.36 -12.21
C VAL B 61 -6.15 -15.68 -11.45
N THR B 62 -7.30 -16.32 -11.27
CA THR B 62 -7.34 -17.51 -10.41
C THR B 62 -8.33 -18.52 -10.96
N ASN B 63 -8.02 -19.80 -10.76
CA ASN B 63 -8.94 -20.88 -11.10
C ASN B 63 -9.73 -21.25 -9.85
N VAL B 64 -11.05 -21.29 -9.97
CA VAL B 64 -11.93 -21.46 -8.81
C VAL B 64 -12.72 -22.76 -8.94
N ALA B 65 -13.31 -23.17 -7.82
CA ALA B 65 -14.15 -24.37 -7.72
C ALA B 65 -15.07 -24.17 -6.53
N SER B 66 -16.27 -24.78 -6.62
CA SER B 66 -17.29 -24.60 -5.59
C SER B 66 -17.26 -25.67 -4.51
N GLN B 67 -16.68 -26.84 -4.80
CA GLN B 67 -16.76 -27.98 -3.90
C GLN B 67 -15.40 -28.32 -3.31
N CYS B 68 -14.55 -27.31 -3.15
CA CYS B 68 -13.21 -27.46 -2.62
C CYS B 68 -13.20 -27.11 -1.13
N GLY B 69 -12.31 -27.78 -0.38
CA GLY B 69 -12.19 -27.48 1.04
C GLY B 69 -11.87 -26.03 1.33
N LYS B 70 -11.15 -25.36 0.41
CA LYS B 70 -10.72 -23.98 0.58
C LYS B 70 -11.55 -23.01 -0.26
N THR B 71 -12.70 -23.46 -0.76
CA THR B 71 -13.58 -22.55 -1.49
C THR B 71 -13.95 -21.31 -0.67
N GLU B 72 -14.33 -21.50 0.60
CA GLU B 72 -14.81 -20.36 1.37
C GLU B 72 -13.71 -19.34 1.62
N VAL B 73 -12.53 -19.77 2.07
CA VAL B 73 -11.47 -18.82 2.37
C VAL B 73 -11.04 -18.07 1.12
N ASN B 74 -10.99 -18.76 -0.02
CA ASN B 74 -10.57 -18.08 -1.24
C ASN B 74 -11.60 -17.06 -1.72
N TYR B 75 -12.87 -17.46 -1.83
CA TYR B 75 -13.87 -16.49 -2.28
C TYR B 75 -14.00 -15.32 -1.32
N THR B 76 -14.02 -15.61 0.00
CA THR B 76 -14.23 -14.51 0.96
C THR B 76 -13.07 -13.52 0.89
N GLN B 77 -11.84 -14.01 0.79
CA GLN B 77 -10.70 -13.12 0.76
C GLN B 77 -10.54 -12.40 -0.56
N LEU B 78 -10.88 -13.04 -1.69
CA LEU B 78 -10.88 -12.34 -2.97
C LEU B 78 -11.88 -11.20 -2.98
N VAL B 79 -13.07 -11.43 -2.42
CA VAL B 79 -14.08 -10.39 -2.33
C VAL B 79 -13.58 -9.25 -1.45
N ASP B 80 -12.88 -9.61 -0.35
CA ASP B 80 -12.32 -8.61 0.55
C ASP B 80 -11.23 -7.79 -0.15
N LEU B 81 -10.33 -8.45 -0.88
CA LEU B 81 -9.30 -7.72 -1.61
C LEU B 81 -9.92 -6.76 -2.62
N HIS B 82 -10.94 -7.23 -3.36
CA HIS B 82 -11.57 -6.40 -4.37
C HIS B 82 -12.27 -5.19 -3.73
N ALA B 83 -12.94 -5.40 -2.61
CA ALA B 83 -13.60 -4.30 -1.90
C ALA B 83 -12.59 -3.24 -1.45
N ARG B 84 -11.44 -3.68 -0.96
CA ARG B 84 -10.49 -2.73 -0.40
C ARG B 84 -9.60 -2.07 -1.44
N TYR B 85 -9.40 -2.70 -2.60
CA TYR B 85 -8.40 -2.21 -3.55
C TYR B 85 -8.93 -1.92 -4.96
N ALA B 86 -10.22 -2.12 -5.24
CA ALA B 86 -10.70 -1.76 -6.58
C ALA B 86 -10.44 -0.30 -6.87
N GLU B 87 -10.56 0.56 -5.86
CA GLU B 87 -10.30 1.99 -6.02
C GLU B 87 -8.86 2.27 -6.39
N CYS B 88 -7.94 1.34 -6.13
CA CYS B 88 -6.54 1.49 -6.48
C CYS B 88 -6.20 0.87 -7.82
N GLY B 89 -7.16 0.24 -8.49
CA GLY B 89 -6.90 -0.43 -9.75
C GLY B 89 -6.84 -1.95 -9.70
N LEU B 90 -7.21 -2.58 -8.58
CA LEU B 90 -7.24 -4.04 -8.54
C LEU B 90 -8.47 -4.57 -9.27
N ARG B 91 -8.25 -5.57 -10.14
CA ARG B 91 -9.31 -6.33 -10.77
C ARG B 91 -9.01 -7.81 -10.53
N ILE B 92 -10.07 -8.63 -10.54
CA ILE B 92 -9.93 -10.06 -10.32
C ILE B 92 -10.70 -10.81 -11.39
N LEU B 93 -10.03 -11.79 -12.01
CA LEU B 93 -10.60 -12.65 -13.07
C LEU B 93 -10.64 -14.06 -12.53
N ALA B 94 -11.84 -14.63 -12.37
CA ALA B 94 -12.00 -15.96 -11.79
C ALA B 94 -12.46 -16.93 -12.87
N PHE B 95 -11.68 -17.98 -13.08
CA PHE B 95 -11.96 -19.01 -14.09
C PHE B 95 -12.37 -20.30 -13.40
N PRO B 96 -13.64 -20.68 -13.46
CA PRO B 96 -14.03 -21.99 -12.90
C PRO B 96 -13.34 -23.12 -13.66
N CYS B 97 -13.03 -24.20 -12.93
CA CYS B 97 -12.32 -25.31 -13.53
C CYS B 97 -12.65 -26.60 -12.79
N ASN B 98 -13.03 -27.65 -13.54
CA ASN B 98 -13.48 -28.93 -12.98
C ASN B 98 -12.40 -30.01 -13.03
N GLN B 99 -11.13 -29.64 -13.21
CA GLN B 99 -10.08 -30.63 -13.40
C GLN B 99 -9.48 -31.15 -12.11
N PHE B 100 -9.87 -30.63 -10.94
CA PHE B 100 -9.20 -30.96 -9.68
C PHE B 100 -10.23 -31.57 -8.72
N GLY B 101 -10.27 -32.90 -8.71
CA GLY B 101 -11.24 -33.62 -7.92
C GLY B 101 -12.67 -33.46 -8.37
N LYS B 102 -12.89 -33.04 -9.62
CA LYS B 102 -14.24 -32.74 -10.14
C LYS B 102 -15.03 -31.88 -9.16
N GLN B 103 -14.41 -30.80 -8.71
CA GLN B 103 -15.00 -29.95 -7.69
C GLN B 103 -15.65 -28.70 -8.26
N GLU B 104 -15.84 -28.64 -9.58
CA GLU B 104 -16.66 -27.59 -10.21
C GLU B 104 -17.57 -28.21 -11.27
N PRO B 105 -18.49 -29.09 -10.84
CA PRO B 105 -19.28 -29.84 -11.84
C PRO B 105 -20.49 -29.09 -12.38
N GLY B 106 -20.86 -27.96 -11.80
CA GLY B 106 -22.09 -27.30 -12.18
C GLY B 106 -21.99 -26.50 -13.47
N SER B 107 -23.16 -26.08 -13.95
CA SER B 107 -23.22 -25.27 -15.14
C SER B 107 -22.68 -23.86 -14.85
N ASN B 108 -22.37 -23.13 -15.92
CA ASN B 108 -21.96 -21.74 -15.75
C ASN B 108 -23.02 -20.92 -15.03
N GLU B 109 -24.30 -21.16 -15.35
CA GLU B 109 -25.37 -20.43 -14.67
C GLU B 109 -25.37 -20.74 -13.17
N GLU B 110 -25.18 -22.00 -12.81
CA GLU B 110 -25.13 -22.39 -11.40
C GLU B 110 -23.91 -21.78 -10.70
N ILE B 111 -22.77 -21.74 -11.39
CA ILE B 111 -21.56 -21.17 -10.80
C ILE B 111 -21.72 -19.67 -10.59
N LYS B 112 -22.40 -18.99 -11.52
CA LYS B 112 -22.65 -17.57 -11.35
C LYS B 112 -23.51 -17.30 -10.12
N GLU B 113 -24.52 -18.15 -9.89
CA GLU B 113 -25.35 -18.00 -8.70
C GLU B 113 -24.55 -18.32 -7.44
N PHE B 114 -23.63 -19.28 -7.53
CA PHE B 114 -22.78 -19.59 -6.38
C PHE B 114 -21.90 -18.40 -6.01
N ALA B 115 -21.30 -17.76 -7.01
CA ALA B 115 -20.47 -16.57 -6.75
C ALA B 115 -21.31 -15.44 -6.17
N ALA B 116 -22.56 -15.31 -6.64
CA ALA B 116 -23.43 -14.26 -6.12
C ALA B 116 -23.69 -14.43 -4.62
N GLY B 117 -23.74 -15.68 -4.13
CA GLY B 117 -23.86 -15.92 -2.70
C GLY B 117 -22.72 -15.36 -1.88
N TYR B 118 -21.54 -15.21 -2.49
CA TYR B 118 -20.42 -14.59 -1.82
C TYR B 118 -20.33 -13.09 -2.09
N ASN B 119 -21.32 -12.51 -2.78
CA ASN B 119 -21.35 -11.08 -3.11
C ASN B 119 -20.16 -10.70 -3.99
N VAL B 120 -19.79 -11.60 -4.90
CA VAL B 120 -18.68 -11.35 -5.82
C VAL B 120 -19.04 -10.21 -6.76
N LYS B 121 -18.20 -9.15 -6.76
CA LYS B 121 -18.36 -8.04 -7.68
C LYS B 121 -17.27 -7.96 -8.72
N PHE B 122 -16.27 -8.86 -8.65
CA PHE B 122 -15.23 -8.92 -9.66
C PHE B 122 -15.72 -9.80 -10.82
N ASP B 123 -14.83 -10.16 -11.74
CA ASP B 123 -15.24 -10.67 -13.04
C ASP B 123 -15.17 -12.20 -13.09
N MET B 124 -16.34 -12.85 -13.24
CA MET B 124 -16.46 -14.29 -13.37
C MET B 124 -16.45 -14.69 -14.83
N PHE B 125 -15.70 -15.75 -15.15
CA PHE B 125 -15.59 -16.24 -16.52
C PHE B 125 -16.24 -17.62 -16.63
N SER B 126 -16.46 -18.04 -17.87
CA SER B 126 -17.00 -19.38 -18.13
C SER B 126 -15.96 -20.44 -17.77
N LYS B 127 -16.47 -21.63 -17.41
CA LYS B 127 -15.61 -22.73 -17.00
C LYS B 127 -14.66 -23.15 -18.13
N ILE B 128 -13.42 -23.47 -17.76
CA ILE B 128 -12.36 -23.81 -18.70
C ILE B 128 -11.56 -24.99 -18.16
N CYS B 129 -10.65 -25.49 -19.00
CA CYS B 129 -9.52 -26.28 -18.55
C CYS B 129 -8.30 -25.37 -18.40
N VAL B 130 -7.46 -25.69 -17.43
CA VAL B 130 -6.22 -24.95 -17.21
C VAL B 130 -4.98 -25.78 -17.49
N ASN B 131 -5.10 -27.11 -17.57
CA ASN B 131 -4.03 -28.01 -17.93
C ASN B 131 -4.41 -28.81 -19.16
N GLY B 132 -3.39 -29.32 -19.86
CA GLY B 132 -3.61 -30.20 -20.99
C GLY B 132 -3.78 -29.45 -22.29
N ASP B 133 -4.00 -30.20 -23.35
CA ASP B 133 -4.07 -29.61 -24.69
C ASP B 133 -5.28 -28.71 -24.89
N ASP B 134 -6.35 -28.90 -24.13
CA ASP B 134 -7.56 -28.12 -24.27
C ASP B 134 -7.63 -26.96 -23.29
N ALA B 135 -6.55 -26.71 -22.55
CA ALA B 135 -6.51 -25.57 -21.66
C ALA B 135 -6.73 -24.27 -22.43
N HIS B 136 -7.36 -23.31 -21.76
CA HIS B 136 -7.54 -21.99 -22.36
C HIS B 136 -6.18 -21.38 -22.67
N PRO B 137 -6.01 -20.74 -23.83
CA PRO B 137 -4.68 -20.23 -24.21
C PRO B 137 -4.09 -19.21 -23.23
N LEU B 138 -4.91 -18.43 -22.52
CA LEU B 138 -4.34 -17.54 -21.51
C LEU B 138 -3.61 -18.33 -20.44
N TRP B 139 -4.16 -19.48 -20.06
CA TRP B 139 -3.55 -20.27 -18.99
C TRP B 139 -2.31 -21.00 -19.50
N LYS B 140 -2.37 -21.52 -20.73
CA LYS B 140 -1.15 -22.03 -21.36
C LYS B 140 -0.05 -20.97 -21.30
N TRP B 141 -0.40 -19.72 -21.63
CA TRP B 141 0.59 -18.66 -21.67
C TRP B 141 1.11 -18.31 -20.29
N MET B 142 0.22 -18.15 -19.30
CA MET B 142 0.66 -17.74 -17.98
C MET B 142 1.68 -18.72 -17.41
N LYS B 143 1.44 -20.01 -17.62
CA LYS B 143 2.27 -21.05 -17.02
C LYS B 143 3.72 -21.02 -17.49
N ILE B 144 4.01 -20.47 -18.68
CA ILE B 144 5.37 -20.43 -19.21
C ILE B 144 6.04 -19.07 -19.02
N GLN B 145 5.37 -18.11 -18.41
CA GLN B 145 6.01 -16.84 -18.11
C GLN B 145 7.07 -17.04 -17.02
N PRO B 146 8.15 -16.27 -17.05
CA PRO B 146 9.22 -16.46 -16.05
C PRO B 146 8.71 -16.47 -14.61
N LYS B 147 7.85 -15.53 -14.24
CA LYS B 147 7.27 -15.53 -12.90
C LYS B 147 6.00 -16.38 -12.79
N GLY B 148 5.57 -17.01 -13.88
CA GLY B 148 4.44 -17.92 -13.91
C GLY B 148 4.81 -19.35 -13.62
N LYS B 149 6.11 -19.63 -13.46
CA LYS B 149 6.56 -20.95 -13.07
C LYS B 149 6.51 -21.05 -11.54
N GLY B 150 5.70 -21.97 -11.03
CA GLY B 150 5.57 -22.13 -9.60
C GLY B 150 6.78 -22.81 -8.99
N ILE B 151 6.84 -22.76 -7.66
CA ILE B 151 7.93 -23.44 -6.94
C ILE B 151 7.90 -24.94 -7.21
N LEU B 152 6.72 -25.47 -7.53
CA LEU B 152 6.58 -26.89 -7.82
C LEU B 152 6.40 -27.16 -9.31
N GLY B 153 6.71 -26.20 -10.17
CA GLY B 153 6.62 -26.43 -11.60
C GLY B 153 5.46 -25.68 -12.23
N ASN B 154 5.29 -25.92 -13.53
CA ASN B 154 4.40 -25.08 -14.34
C ASN B 154 2.93 -25.49 -14.23
N ALA B 155 2.66 -26.79 -14.20
CA ALA B 155 1.27 -27.25 -14.22
C ALA B 155 0.50 -26.68 -13.03
N ILE B 156 -0.78 -26.36 -13.27
CA ILE B 156 -1.65 -25.98 -12.15
C ILE B 156 -1.89 -27.21 -11.28
N LYS B 157 -1.55 -27.12 -9.99
CA LYS B 157 -1.57 -28.32 -9.15
C LYS B 157 -2.95 -28.64 -8.58
N TRP B 158 -3.77 -27.62 -8.31
CA TRP B 158 -5.06 -27.82 -7.67
C TRP B 158 -5.90 -26.55 -7.86
N ASN B 159 -7.09 -26.57 -7.27
CA ASN B 159 -7.95 -25.40 -7.27
C ASN B 159 -7.27 -24.22 -6.59
N PHE B 160 -7.64 -23.02 -7.04
CA PHE B 160 -7.23 -21.75 -6.42
C PHE B 160 -5.72 -21.53 -6.46
N THR B 161 -5.13 -21.77 -7.62
CA THR B 161 -3.85 -21.14 -7.95
C THR B 161 -4.11 -19.69 -8.36
N LYS B 162 -3.18 -18.80 -8.02
CA LYS B 162 -3.35 -17.37 -8.30
C LYS B 162 -2.13 -16.82 -9.05
N PHE B 163 -2.39 -15.98 -10.05
CA PHE B 163 -1.37 -15.24 -10.77
C PHE B 163 -1.60 -13.74 -10.55
N LEU B 164 -0.54 -13.02 -10.23
CA LEU B 164 -0.59 -11.56 -10.18
C LEU B 164 -0.08 -11.02 -11.52
N ILE B 165 -0.88 -10.15 -12.13
CA ILE B 165 -0.63 -9.58 -13.44
C ILE B 165 -0.44 -8.07 -13.27
N ASP B 166 0.63 -7.52 -13.85
CA ASP B 166 0.90 -6.09 -13.68
C ASP B 166 0.08 -5.28 -14.68
N LYS B 167 0.23 -3.94 -14.62
CA LYS B 167 -0.61 -3.07 -15.43
C LYS B 167 -0.32 -3.21 -16.93
N ASN B 168 0.81 -3.80 -17.30
CA ASN B 168 1.14 -4.06 -18.70
C ASN B 168 0.76 -5.47 -19.13
N GLY B 169 0.08 -6.23 -18.27
CA GLY B 169 -0.34 -7.57 -18.64
C GLY B 169 0.68 -8.66 -18.44
N CYS B 170 1.79 -8.37 -17.76
CA CYS B 170 2.83 -9.36 -17.55
C CYS B 170 2.61 -10.09 -16.23
N VAL B 171 2.89 -11.40 -16.22
CA VAL B 171 2.87 -12.15 -14.96
C VAL B 171 4.04 -11.71 -14.10
N VAL B 172 3.75 -11.34 -12.85
CA VAL B 172 4.80 -10.93 -11.94
C VAL B 172 4.93 -11.83 -10.71
N LYS B 173 3.87 -12.56 -10.33
CA LYS B 173 3.97 -13.47 -9.19
C LYS B 173 2.96 -14.60 -9.37
N ARG B 174 3.24 -15.74 -8.73
CA ARG B 174 2.33 -16.88 -8.70
C ARG B 174 2.21 -17.38 -7.27
N TYR B 175 1.00 -17.79 -6.90
CA TYR B 175 0.70 -18.28 -5.56
C TYR B 175 -0.07 -19.59 -5.66
N GLY B 176 0.30 -20.56 -4.84
CA GLY B 176 -0.26 -21.89 -4.96
C GLY B 176 -1.56 -22.09 -4.21
N PRO B 177 -2.15 -23.27 -4.41
CA PRO B 177 -3.42 -23.61 -3.77
C PRO B 177 -3.44 -23.46 -2.26
N MET B 178 -2.30 -23.57 -1.59
CA MET B 178 -2.27 -23.47 -0.13
C MET B 178 -2.13 -22.04 0.36
N GLU B 179 -1.91 -21.08 -0.54
CA GLU B 179 -1.63 -19.69 -0.17
C GLU B 179 -2.93 -18.90 -0.23
N GLU B 180 -3.43 -18.49 0.93
CA GLU B 180 -4.69 -17.76 0.96
C GLU B 180 -4.52 -16.42 0.24
N PRO B 181 -5.58 -15.92 -0.40
CA PRO B 181 -5.46 -14.68 -1.19
C PRO B 181 -4.86 -13.51 -0.43
N LEU B 182 -5.06 -13.41 0.89
CA LEU B 182 -4.52 -12.26 1.62
C LEU B 182 -3.00 -12.19 1.60
N VAL B 183 -2.29 -13.30 1.31
CA VAL B 183 -0.83 -13.19 1.23
C VAL B 183 -0.39 -12.32 0.06
N ILE B 184 -1.28 -12.08 -0.91
CA ILE B 184 -0.97 -11.23 -2.05
C ILE B 184 -0.86 -9.77 -1.62
N GLU B 185 -1.44 -9.41 -0.47
CA GLU B 185 -1.41 -8.02 -0.05
C GLU B 185 0.01 -7.51 0.13
N LYS B 186 0.98 -8.40 0.36
CA LYS B 186 2.35 -7.95 0.50
C LYS B 186 2.96 -7.48 -0.81
N ASP B 187 2.46 -7.99 -1.94
CA ASP B 187 3.02 -7.66 -3.24
C ASP B 187 2.27 -6.54 -3.96
N LEU B 188 0.97 -6.40 -3.72
CA LEU B 188 0.14 -5.42 -4.44
C LEU B 188 0.74 -4.01 -4.50
N PRO B 189 1.24 -3.42 -3.42
CA PRO B 189 1.66 -2.01 -3.52
C PRO B 189 2.88 -1.80 -4.38
N HIS B 190 3.59 -2.86 -4.73
CA HIS B 190 4.73 -2.77 -5.62
C HIS B 190 4.33 -2.75 -7.08
N TYR B 191 3.05 -2.94 -7.39
CA TYR B 191 2.59 -2.98 -8.77
C TYR B 191 1.47 -2.00 -9.09
N PHE B 192 0.75 -1.48 -8.09
CA PHE B 192 -0.28 -0.48 -8.33
C PHE B 192 0.36 0.77 -8.95
#